data_4GAF
#
_entry.id   4GAF
#
_cell.length_a   60.350
_cell.length_b   149.270
_cell.length_c   126.170
_cell.angle_alpha   90.00
_cell.angle_beta   90.00
_cell.angle_gamma   90.00
#
_symmetry.space_group_name_H-M   'C 2 2 21'
#
loop_
_entity.id
_entity.type
_entity.pdbx_description
1 polymer EBI-005
2 polymer 'Interleukin-1 receptor type 1'
3 non-polymer 2-acetamido-2-deoxy-beta-D-glucopyranose
4 non-polymer 'SODIUM ION'
5 water water
#
loop_
_entity_poly.entity_id
_entity_poly.type
_entity_poly.pdbx_seq_one_letter_code
_entity_poly.pdbx_strand_id
1 'polypeptide(L)'
;APVRSLNCRIWDVNQKTFYLRNNQLVAGYLQGPNVNLEEKFSMSFVQGEESNDKIPVALGLKEKNLYLSCVLKDDKPTLQ
LESVDPKNYPKKKMEKRFVFNKIEINNKLEFESAQFPNWFLCTAMEADQPVSLTNMPDEGVMVTKFYMQFVSS
;
A
2 'polypeptide(L)'
;LEADKCKEREEKIILVSSANEIDVRPCPLNPNEHKGTITWYKDDSKTPVSTEQASRIHQHKEKLWFVPAKVEDSGHYYCV
VRNSSYCLRIKISAKFVENEPNLCYNAQAIFKQKLPVAGDGGLVCPYMEFFKNENNELPKLQWYKDCKPLLLDNIHFSGV
KDRLIVMNVAEKHRGNYTCHASYTYLGKQYPITRVIEFITLEENKPTRPVIVSPANETMEVDLGSQIQLICNVTGQLSDI
AYWKWNGSVIDEDDPVLGEDYYSVENPANKRRSTLITVLNISEIESRFYKHPFTCFAKNTHGIDAAYIQLIYPVTNFQK
;
B
#
# COMPACT_ATOMS: atom_id res chain seq x y z
N ALA A 1 2.07 3.19 -25.11
CA ALA A 1 2.24 1.86 -24.43
C ALA A 1 1.10 0.97 -24.91
N PRO A 2 1.30 -0.40 -24.92
CA PRO A 2 0.18 -1.34 -25.14
C PRO A 2 -0.62 -1.64 -23.89
N VAL A 3 -0.38 -0.89 -22.81
CA VAL A 3 -1.13 -1.03 -21.56
C VAL A 3 -1.07 0.30 -20.82
N ARG A 4 -2.22 0.70 -20.29
CA ARG A 4 -2.30 1.92 -19.51
C ARG A 4 -1.76 1.61 -18.12
N SER A 5 -0.73 2.35 -17.72
CA SER A 5 0.06 2.10 -16.48
C SER A 5 0.31 3.41 -15.63
N LEU A 6 0.08 3.35 -14.32
CA LEU A 6 0.07 4.56 -13.49
C LEU A 6 0.92 4.37 -12.26
N ASN A 7 1.72 5.36 -11.90
CA ASN A 7 2.47 5.30 -10.66
C ASN A 7 1.57 5.71 -9.51
N CYS A 8 1.66 4.95 -8.42
CA CYS A 8 0.91 5.27 -7.17
C CYS A 8 1.64 4.90 -5.89
N ARG A 9 1.14 5.40 -4.78
CA ARG A 9 1.55 4.88 -3.51
C ARG A 9 0.33 4.17 -2.94
N ILE A 10 0.55 3.08 -2.24
CA ILE A 10 -0.54 2.27 -1.66
C ILE A 10 -0.24 2.09 -0.18
N TRP A 11 -1.21 2.37 0.69
CA TRP A 11 -1.01 2.03 2.08
C TRP A 11 -2.27 1.39 2.69
N ASP A 12 -2.12 0.55 3.70
CA ASP A 12 -3.36 -0.14 4.18
C ASP A 12 -4.10 0.79 5.10
N VAL A 13 -5.29 0.38 5.56
CA VAL A 13 -6.08 1.30 6.37
C VAL A 13 -5.64 1.24 7.85
N ASN A 14 -4.55 0.52 8.16
CA ASN A 14 -3.87 0.60 9.49
C ASN A 14 -2.60 1.48 9.38
N GLN A 15 -2.49 2.20 8.28
CA GLN A 15 -1.46 3.19 7.92
C GLN A 15 -0.10 2.56 7.75
N LYS A 16 -0.06 1.26 7.51
CA LYS A 16 1.21 0.56 7.18
C LYS A 16 1.62 0.79 5.74
N THR A 17 2.91 0.80 5.47
CA THR A 17 3.35 1.04 4.10
C THR A 17 4.24 -0.12 3.74
N PHE A 18 4.50 -0.31 2.46
CA PHE A 18 5.24 -1.49 2.04
C PHE A 18 6.71 -1.27 1.88
N TYR A 19 7.49 -2.32 2.16
CA TYR A 19 8.93 -2.30 1.87
C TYR A 19 9.44 -3.71 1.71
N LEU A 20 10.66 -3.81 1.17
CA LEU A 20 11.33 -5.06 1.00
C LEU A 20 12.17 -5.49 2.20
N ARG A 21 11.97 -6.72 2.62
CA ARG A 21 12.89 -7.40 3.55
CA ARG A 21 12.99 -7.35 3.44
C ARG A 21 13.23 -8.74 2.92
N ASN A 22 14.50 -9.09 2.94
CA ASN A 22 15.05 -10.10 2.06
C ASN A 22 14.45 -9.75 0.73
N ASN A 23 13.74 -10.68 0.14
CA ASN A 23 13.16 -10.38 -1.15
C ASN A 23 11.63 -10.38 -1.12
N GLN A 24 11.09 -10.20 0.09
CA GLN A 24 9.65 -10.20 0.26
C GLN A 24 9.05 -8.89 0.62
N LEU A 25 7.83 -8.70 0.14
CA LEU A 25 7.11 -7.51 0.44
C LEU A 25 6.57 -7.56 1.83
N VAL A 26 6.99 -6.67 2.70
CA VAL A 26 6.33 -6.65 4.02
C VAL A 26 5.65 -5.34 4.23
N ALA A 27 4.86 -5.23 5.30
CA ALA A 27 4.16 -4.02 5.65
C ALA A 27 4.48 -3.49 7.04
N GLY A 28 4.79 -2.20 7.13
CA GLY A 28 5.14 -1.64 8.46
C GLY A 28 5.10 -0.14 8.53
N TYR A 29 5.73 0.40 9.59
CA TYR A 29 5.69 1.82 9.86
C TYR A 29 7.06 2.38 9.77
N LEU A 30 7.30 3.37 8.91
CA LEU A 30 8.63 4.00 8.80
C LEU A 30 8.68 5.44 9.27
N GLN A 31 9.84 5.87 9.83
CA GLN A 31 10.08 7.18 10.34
C GLN A 31 11.33 7.81 9.73
N GLY A 32 11.35 9.15 9.68
CA GLY A 32 12.57 9.90 9.37
C GLY A 32 13.15 9.46 8.02
N PRO A 33 14.48 9.30 7.95
CA PRO A 33 15.11 8.88 6.69
C PRO A 33 14.60 7.53 6.17
N ASN A 34 14.08 6.64 7.02
CA ASN A 34 13.53 5.33 6.59
C ASN A 34 12.36 5.32 5.60
N VAL A 35 11.72 6.47 5.44
CA VAL A 35 10.67 6.58 4.46
C VAL A 35 11.22 6.31 3.05
N ASN A 36 12.54 6.45 2.90
CA ASN A 36 13.25 6.03 1.69
CA ASN A 36 13.19 6.08 1.65
C ASN A 36 13.01 4.59 1.31
N LEU A 37 12.74 3.77 2.31
CA LEU A 37 12.54 2.32 2.06
C LEU A 37 11.20 2.00 1.46
N GLU A 38 10.30 2.95 1.48
CA GLU A 38 8.98 2.70 0.89
C GLU A 38 9.02 2.38 -0.61
N GLU A 39 8.31 1.32 -1.01
CA GLU A 39 8.13 0.91 -2.42
C GLU A 39 6.93 1.60 -3.06
N LYS A 40 7.11 2.19 -4.23
CA LYS A 40 5.96 2.69 -4.97
C LYS A 40 5.58 1.65 -5.97
N PHE A 41 4.37 1.75 -6.50
CA PHE A 41 3.90 0.77 -7.48
C PHE A 41 3.60 1.32 -8.87
N SER A 42 3.78 0.51 -9.91
N SER A 42 3.78 0.50 -9.90
CA SER A 42 3.19 0.81 -11.23
CA SER A 42 3.18 0.79 -11.21
C SER A 42 1.94 -0.05 -11.35
C SER A 42 1.94 -0.05 -11.31
N MET A 43 0.78 0.59 -11.44
CA MET A 43 -0.50 -0.10 -11.56
C MET A 43 -0.93 -0.12 -13.02
N SER A 44 -1.01 -1.31 -13.62
CA SER A 44 -1.51 -1.44 -15.01
C SER A 44 -2.97 -1.90 -15.15
N PHE A 45 -3.68 -1.34 -16.14
CA PHE A 45 -5.08 -1.70 -16.44
C PHE A 45 -5.14 -2.83 -17.45
N VAL A 46 -5.19 -4.06 -16.96
CA VAL A 46 -5.03 -5.22 -17.81
C VAL A 46 -6.40 -5.73 -18.22
N GLN A 47 -6.47 -6.74 -19.07
CA GLN A 47 -7.78 -7.24 -19.44
C GLN A 47 -8.25 -8.34 -18.50
N GLY A 48 -9.57 -8.50 -18.43
CA GLY A 48 -10.24 -9.46 -17.53
C GLY A 48 -11.74 -9.13 -17.47
N GLU A 49 -12.36 -9.26 -16.29
CA GLU A 49 -13.80 -9.08 -16.18
C GLU A 49 -14.21 -7.68 -16.64
N GLU A 50 -15.35 -7.62 -17.29
CA GLU A 50 -15.87 -6.36 -17.81
C GLU A 50 -17.05 -5.96 -16.92
N SER A 51 -16.75 -5.15 -15.90
CA SER A 51 -17.70 -4.88 -14.83
C SER A 51 -17.69 -3.46 -14.34
N ASN A 52 -18.87 -2.99 -13.94
CA ASN A 52 -19.05 -1.68 -13.30
C ASN A 52 -18.61 -1.65 -11.83
N ASP A 53 -18.16 -2.80 -11.33
CA ASP A 53 -17.70 -2.93 -9.93
C ASP A 53 -16.19 -3.01 -9.85
N LYS A 54 -15.62 -3.77 -10.78
CA LYS A 54 -14.22 -4.14 -10.69
C LYS A 54 -13.43 -3.72 -11.91
N ILE A 55 -12.21 -3.30 -11.66
CA ILE A 55 -11.26 -3.04 -12.72
C ILE A 55 -10.10 -3.99 -12.52
N PRO A 56 -9.80 -4.82 -13.50
CA PRO A 56 -8.65 -5.73 -13.36
C PRO A 56 -7.36 -4.93 -13.47
N VAL A 57 -6.36 -5.19 -12.64
CA VAL A 57 -5.10 -4.47 -12.60
C VAL A 57 -4.00 -5.46 -12.27
N ALA A 58 -2.79 -5.16 -12.72
CA ALA A 58 -1.56 -5.80 -12.16
C ALA A 58 -0.76 -4.79 -11.35
N LEU A 59 0.02 -5.24 -10.37
CA LEU A 59 0.69 -4.32 -9.43
C LEU A 59 2.15 -4.66 -9.51
N GLY A 60 2.95 -3.75 -10.06
CA GLY A 60 4.40 -3.91 -10.12
C GLY A 60 5.08 -2.95 -9.15
N LEU A 61 6.27 -3.33 -8.70
CA LEU A 61 7.13 -2.49 -7.88
C LEU A 61 7.89 -1.53 -8.80
N LYS A 62 7.64 -0.23 -8.61
CA LYS A 62 8.16 0.85 -9.45
C LYS A 62 9.62 0.66 -9.70
N GLU A 63 9.91 0.50 -10.99
CA GLU A 63 11.25 0.36 -11.52
C GLU A 63 12.02 -0.92 -11.13
N LYS A 64 11.41 -1.88 -10.44
CA LYS A 64 12.19 -3.10 -10.09
C LYS A 64 11.79 -4.35 -10.87
N ASN A 65 10.77 -4.23 -11.68
CA ASN A 65 10.37 -5.38 -12.47
C ASN A 65 10.03 -6.54 -11.49
N LEU A 66 9.31 -6.25 -10.40
CA LEU A 66 8.86 -7.29 -9.52
C LEU A 66 7.36 -7.15 -9.52
N TYR A 67 6.65 -8.23 -9.83
CA TYR A 67 5.18 -8.18 -9.83
C TYR A 67 4.59 -9.00 -8.68
N LEU A 68 3.58 -8.42 -8.06
CA LEU A 68 2.72 -9.13 -7.13
C LEU A 68 2.01 -10.28 -7.87
N SER A 69 1.95 -11.47 -7.31
CA SER A 69 1.25 -12.58 -7.97
C SER A 69 0.74 -13.61 -6.98
N CYS A 70 -0.37 -14.24 -7.34
CA CYS A 70 -1.10 -15.17 -6.49
C CYS A 70 -0.83 -16.60 -7.03
N VAL A 71 -0.15 -17.41 -6.23
CA VAL A 71 0.22 -18.74 -6.61
C VAL A 71 -0.14 -19.71 -5.47
N LEU A 72 -0.52 -20.92 -5.84
CA LEU A 72 -0.70 -21.96 -4.85
C LEU A 72 0.64 -22.32 -4.21
N LYS A 73 0.68 -22.29 -2.90
CA LYS A 73 1.85 -22.84 -2.21
C LYS A 73 1.34 -23.87 -1.23
N ASP A 74 1.78 -25.11 -1.30
CA ASP A 74 1.23 -26.13 -0.41
C ASP A 74 -0.33 -26.09 -0.33
N ASP A 75 -0.97 -26.13 -1.49
CA ASP A 75 -2.46 -26.11 -1.63
C ASP A 75 -3.16 -24.85 -1.01
N LYS A 76 -2.42 -23.75 -0.89
CA LYS A 76 -2.95 -22.51 -0.33
C LYS A 76 -2.58 -21.26 -1.13
N PRO A 77 -3.58 -20.48 -1.59
CA PRO A 77 -3.27 -19.29 -2.39
C PRO A 77 -2.32 -18.36 -1.68
N THR A 78 -1.21 -18.05 -2.35
CA THR A 78 -0.11 -17.31 -1.68
C THR A 78 0.33 -16.09 -2.53
N LEU A 79 0.56 -14.97 -1.86
CA LEU A 79 1.15 -13.83 -2.57
C LEU A 79 2.69 -13.95 -2.56
N GLN A 80 3.29 -13.86 -3.74
CA GLN A 80 4.73 -14.01 -4.01
C GLN A 80 5.07 -12.87 -5.01
N LEU A 81 6.30 -12.36 -4.94
CA LEU A 81 6.81 -11.40 -5.91
C LEU A 81 7.46 -12.16 -7.03
N GLU A 82 7.25 -11.74 -8.25
CA GLU A 82 7.89 -12.44 -9.36
C GLU A 82 8.71 -11.46 -10.20
N SER A 83 10.00 -11.77 -10.38
CA SER A 83 10.87 -11.08 -11.33
C SER A 83 10.32 -11.28 -12.72
N VAL A 84 10.06 -10.18 -13.41
CA VAL A 84 9.69 -10.29 -14.84
C VAL A 84 10.71 -9.67 -15.81
N ASP A 85 10.64 -10.05 -17.07
CA ASP A 85 11.54 -9.49 -18.09
C ASP A 85 10.93 -8.16 -18.56
N PRO A 86 11.62 -7.02 -18.29
CA PRO A 86 11.13 -5.69 -18.73
C PRO A 86 10.75 -5.60 -20.22
N LYS A 87 11.44 -6.40 -21.05
CA LYS A 87 11.12 -6.56 -22.47
C LYS A 87 9.67 -6.98 -22.78
N ASN A 88 8.98 -7.62 -21.83
CA ASN A 88 7.61 -8.11 -22.11
C ASN A 88 6.56 -7.61 -21.11
N TYR A 89 7.02 -6.92 -20.06
CA TYR A 89 6.17 -6.54 -18.94
C TYR A 89 6.35 -5.09 -18.56
N PRO A 90 5.25 -4.40 -18.28
CA PRO A 90 3.82 -4.89 -18.27
C PRO A 90 3.17 -4.97 -19.67
N LYS A 91 2.08 -5.73 -19.82
CA LYS A 91 1.39 -5.87 -21.10
C LYS A 91 -0.09 -5.93 -20.81
N LYS A 92 -0.92 -5.81 -21.83
CA LYS A 92 -2.36 -5.83 -21.62
C LYS A 92 -2.94 -7.15 -21.09
N LYS A 93 -2.49 -8.27 -21.67
CA LYS A 93 -2.95 -9.60 -21.21
C LYS A 93 -1.93 -10.14 -20.26
N MET A 94 -2.05 -9.80 -18.98
CA MET A 94 -1.10 -10.31 -18.02
C MET A 94 -1.62 -11.68 -17.70
N GLU A 95 -0.75 -12.63 -17.37
CA GLU A 95 -1.23 -13.95 -16.91
C GLU A 95 -2.05 -13.79 -15.65
N LYS A 96 -2.98 -14.71 -15.43
CA LYS A 96 -4.00 -14.56 -14.36
C LYS A 96 -3.43 -14.45 -12.93
N ARG A 97 -2.24 -15.02 -12.70
CA ARG A 97 -1.56 -14.89 -11.43
C ARG A 97 -1.27 -13.43 -11.03
N PHE A 98 -1.07 -12.56 -12.03
CA PHE A 98 -0.78 -11.17 -11.76
C PHE A 98 -2.02 -10.32 -11.63
N VAL A 99 -3.20 -10.90 -11.91
CA VAL A 99 -4.37 -10.06 -12.08
C VAL A 99 -5.11 -9.90 -10.75
N PHE A 100 -5.37 -8.63 -10.38
CA PHE A 100 -6.21 -8.31 -9.26
C PHE A 100 -7.44 -7.53 -9.74
N ASN A 101 -8.60 -7.84 -9.19
CA ASN A 101 -9.80 -7.05 -9.44
C ASN A 101 -9.80 -5.94 -8.39
N LYS A 102 -9.51 -4.72 -8.84
CA LYS A 102 -9.59 -3.57 -7.95
C LYS A 102 -11.04 -3.10 -7.75
N ILE A 103 -11.46 -3.02 -6.49
CA ILE A 103 -12.80 -2.71 -6.12
C ILE A 103 -12.63 -1.44 -5.25
N GLU A 104 -13.35 -0.36 -5.54
CA GLU A 104 -13.18 0.83 -4.72
C GLU A 104 -14.53 1.19 -4.13
N ILE A 105 -14.58 1.27 -2.79
CA ILE A 105 -15.72 1.79 -2.06
C ILE A 105 -15.27 2.84 -1.05
N ASN A 106 -15.76 4.07 -1.21
CA ASN A 106 -15.57 5.12 -0.22
C ASN A 106 -14.11 5.48 -0.03
N ASN A 107 -13.41 5.70 -1.15
CA ASN A 107 -11.97 5.94 -1.14
C ASN A 107 -11.11 4.79 -0.65
N LYS A 108 -11.72 3.66 -0.28
CA LYS A 108 -10.91 2.49 0.02
C LYS A 108 -11.01 1.43 -1.06
N LEU A 109 -9.85 0.81 -1.25
CA LEU A 109 -9.60 -0.20 -2.25
C LEU A 109 -9.39 -1.59 -1.64
N GLU A 110 -10.02 -2.60 -2.27
CA GLU A 110 -9.71 -4.02 -2.04
C GLU A 110 -9.14 -4.58 -3.33
N PHE A 111 -8.24 -5.54 -3.24
CA PHE A 111 -7.67 -6.17 -4.45
C PHE A 111 -7.95 -7.70 -4.34
N GLU A 112 -8.97 -8.16 -5.05
CA GLU A 112 -9.31 -9.57 -5.15
C GLU A 112 -8.49 -10.27 -6.23
N SER A 113 -7.86 -11.37 -5.84
CA SER A 113 -7.18 -12.24 -6.77
C SER A 113 -8.10 -12.72 -7.91
N ALA A 114 -7.71 -12.45 -9.17
CA ALA A 114 -8.43 -12.97 -10.36
C ALA A 114 -8.35 -14.48 -10.41
N GLN A 115 -7.15 -14.98 -10.15
CA GLN A 115 -6.89 -16.39 -10.16
C GLN A 115 -7.69 -17.08 -9.06
N PHE A 116 -7.74 -16.45 -7.90
CA PHE A 116 -8.39 -17.03 -6.73
C PHE A 116 -9.53 -16.17 -6.21
N PRO A 117 -10.66 -16.20 -6.91
CA PRO A 117 -11.82 -15.45 -6.45
C PRO A 117 -12.21 -15.81 -4.99
N ASN A 118 -12.67 -14.77 -4.29
CA ASN A 118 -12.89 -14.79 -2.84
C ASN A 118 -11.67 -14.62 -1.95
N TRP A 119 -10.50 -14.53 -2.57
CA TRP A 119 -9.23 -14.31 -1.85
C TRP A 119 -8.72 -12.87 -2.15
N PHE A 120 -8.34 -12.18 -1.09
CA PHE A 120 -8.00 -10.74 -1.13
C PHE A 120 -6.61 -10.46 -0.69
N LEU A 121 -5.98 -9.48 -1.34
CA LEU A 121 -4.64 -8.97 -0.90
C LEU A 121 -4.76 -8.46 0.51
N CYS A 122 -3.82 -8.83 1.38
CA CYS A 122 -4.01 -8.36 2.76
C CYS A 122 -2.68 -8.19 3.50
N THR A 123 -2.72 -7.53 4.64
CA THR A 123 -1.53 -7.40 5.50
C THR A 123 -1.94 -7.91 6.90
N ALA A 124 -0.95 -8.19 7.74
CA ALA A 124 -1.24 -8.67 9.06
C ALA A 124 -1.57 -7.49 9.95
N MET A 125 -2.13 -7.83 11.09
CA MET A 125 -2.43 -6.89 12.16
C MET A 125 -1.11 -6.33 12.72
N GLU A 126 -0.09 -7.17 12.80
CA GLU A 126 1.22 -6.72 13.34
C GLU A 126 2.19 -6.22 12.25
N ALA A 127 3.08 -5.31 12.67
CA ALA A 127 3.91 -4.59 11.72
C ALA A 127 4.99 -5.54 11.32
N ASP A 128 5.51 -5.34 10.10
CA ASP A 128 6.67 -6.06 9.54
C ASP A 128 6.48 -7.46 9.14
N GLN A 129 5.28 -7.82 8.78
CA GLN A 129 5.07 -9.17 8.36
C GLN A 129 4.82 -9.12 6.85
N PRO A 130 5.01 -10.26 6.16
CA PRO A 130 4.73 -10.24 4.73
C PRO A 130 3.27 -9.86 4.39
N VAL A 131 3.12 -9.23 3.25
CA VAL A 131 1.85 -9.11 2.61
C VAL A 131 1.39 -10.50 2.22
N SER A 132 0.08 -10.65 2.16
CA SER A 132 -0.47 -11.96 1.97
C SER A 132 -1.79 -11.93 1.19
N LEU A 133 -2.52 -13.06 1.22
CA LEU A 133 -3.85 -13.17 0.63
C LEU A 133 -4.69 -13.86 1.68
N THR A 134 -5.98 -13.53 1.79
CA THR A 134 -6.93 -14.25 2.68
C THR A 134 -8.33 -14.36 2.06
N ASN A 135 -9.04 -15.45 2.36
CA ASN A 135 -10.39 -15.60 1.92
C ASN A 135 -11.37 -15.31 3.10
N MET A 136 -10.88 -14.66 4.15
CA MET A 136 -11.81 -14.19 5.19
C MET A 136 -11.72 -12.71 5.50
N PRO A 137 -11.92 -11.84 4.49
CA PRO A 137 -11.79 -10.42 4.74
C PRO A 137 -12.88 -9.87 5.69
N ASP A 138 -13.93 -10.61 6.00
CA ASP A 138 -14.96 -10.02 6.90
C ASP A 138 -14.72 -10.17 8.41
N GLU A 139 -13.84 -11.09 8.81
CA GLU A 139 -13.37 -11.08 10.19
C GLU A 139 -12.15 -10.17 10.27
N GLY A 140 -11.99 -9.49 11.39
CA GLY A 140 -10.82 -8.64 11.55
C GLY A 140 -9.63 -9.47 11.99
N VAL A 141 -9.31 -10.52 11.24
CA VAL A 141 -7.98 -11.15 11.33
C VAL A 141 -6.92 -10.32 10.58
N MET A 142 -7.18 -10.04 9.30
CA MET A 142 -6.18 -9.45 8.40
C MET A 142 -6.68 -8.08 7.93
N VAL A 143 -5.82 -7.26 7.36
CA VAL A 143 -6.31 -5.98 6.82
C VAL A 143 -6.42 -6.14 5.30
N THR A 144 -7.58 -5.76 4.71
CA THR A 144 -7.83 -6.05 3.26
C THR A 144 -8.27 -4.78 2.52
N LYS A 145 -8.23 -3.65 3.22
CA LYS A 145 -8.53 -2.38 2.62
C LYS A 145 -7.30 -1.46 2.60
N PHE A 146 -7.23 -0.59 1.59
CA PHE A 146 -6.04 0.11 1.23
C PHE A 146 -6.48 1.45 0.73
N TYR A 147 -5.60 2.44 0.83
CA TYR A 147 -5.77 3.70 0.12
C TYR A 147 -4.68 3.82 -0.91
N MET A 148 -4.88 4.71 -1.88
CA MET A 148 -3.87 4.90 -2.91
C MET A 148 -3.77 6.34 -3.32
N GLN A 149 -2.58 6.71 -3.72
CA GLN A 149 -2.44 8.06 -4.20
C GLN A 149 -1.55 7.99 -5.44
N PHE A 150 -2.07 8.54 -6.53
CA PHE A 150 -1.42 8.53 -7.83
C PHE A 150 -0.40 9.62 -7.83
N VAL A 151 0.85 9.27 -8.13
CA VAL A 151 1.96 10.24 -8.07
C VAL A 151 2.57 10.73 -9.40
N SER A 152 2.09 10.23 -10.55
CA SER A 152 2.65 10.70 -11.85
C SER A 152 2.45 12.23 -12.09
N ASP B 4 31.10 -23.60 10.42
CA ASP B 4 30.19 -23.54 9.21
C ASP B 4 29.87 -22.09 8.93
N LYS B 5 30.21 -21.23 9.90
CA LYS B 5 30.19 -19.77 9.75
C LYS B 5 28.81 -19.13 9.97
N CYS B 6 28.75 -18.24 10.97
CA CYS B 6 27.55 -17.43 11.24
C CYS B 6 27.22 -16.50 10.08
N LYS B 7 25.98 -16.50 9.61
CA LYS B 7 25.55 -15.51 8.61
C LYS B 7 25.38 -14.17 9.33
N GLU B 8 25.48 -13.10 8.57
CA GLU B 8 25.42 -11.78 9.16
C GLU B 8 24.50 -10.88 8.37
N ARG B 9 23.56 -10.23 9.06
CA ARG B 9 22.66 -9.26 8.41
C ARG B 9 22.67 -7.94 9.20
N GLU B 10 22.54 -6.82 8.49
CA GLU B 10 22.42 -5.53 9.11
C GLU B 10 21.04 -4.95 8.79
N GLU B 11 20.23 -4.76 9.83
CA GLU B 11 18.85 -4.30 9.66
C GLU B 11 18.78 -2.82 9.26
N LYS B 12 17.99 -2.50 8.24
CA LYS B 12 17.95 -1.12 7.72
C LYS B 12 16.90 -0.19 8.39
N ILE B 13 15.90 -0.74 9.06
CA ILE B 13 15.02 0.18 9.81
C ILE B 13 15.72 0.62 11.07
N ILE B 14 15.79 1.92 11.26
CA ILE B 14 16.16 2.47 12.53
C ILE B 14 14.88 2.99 13.23
N LEU B 15 14.54 2.36 14.35
CA LEU B 15 13.32 2.75 15.05
C LEU B 15 13.69 3.74 16.14
N VAL B 16 13.09 4.92 16.08
CA VAL B 16 13.42 5.98 17.04
C VAL B 16 12.35 5.95 18.13
N SER B 17 12.76 5.80 19.39
CA SER B 17 11.80 5.69 20.49
C SER B 17 12.05 6.80 21.52
N SER B 18 11.11 7.05 22.44
CA SER B 18 11.35 8.00 23.53
C SER B 18 12.26 7.52 24.66
N ALA B 19 13.22 8.39 25.06
CA ALA B 19 13.91 8.25 26.35
C ALA B 19 12.86 8.29 27.44
N ASN B 20 13.10 7.59 28.52
CA ASN B 20 12.21 7.52 29.68
C ASN B 20 10.89 6.84 29.46
N GLU B 21 10.83 5.96 28.46
CA GLU B 21 9.61 5.22 28.18
C GLU B 21 10.00 3.80 28.06
N ILE B 22 9.13 2.86 28.42
CA ILE B 22 9.45 1.49 28.17
C ILE B 22 9.49 1.23 26.63
N ASP B 23 10.38 0.36 26.19
CA ASP B 23 10.39 -0.10 24.83
C ASP B 23 10.78 -1.59 24.72
N VAL B 24 10.35 -2.25 23.65
CA VAL B 24 10.66 -3.63 23.38
C VAL B 24 11.09 -3.81 21.93
N ARG B 25 12.15 -4.58 21.67
CA ARG B 25 12.48 -4.92 20.24
C ARG B 25 12.49 -6.42 20.06
N PRO B 26 11.73 -6.91 19.09
CA PRO B 26 11.82 -8.28 18.67
C PRO B 26 13.00 -8.41 17.69
N CYS B 27 13.70 -9.53 17.69
CA CYS B 27 14.66 -9.88 16.60
C CYS B 27 13.90 -10.07 15.28
N PRO B 28 14.09 -9.19 14.27
CA PRO B 28 13.33 -9.07 13.01
C PRO B 28 13.64 -10.08 11.86
N LEU B 29 13.31 -11.33 12.10
CA LEU B 29 13.34 -12.32 11.06
C LEU B 29 12.04 -12.27 10.26
N ASN B 30 12.10 -12.63 8.97
CA ASN B 30 10.91 -12.99 8.21
C ASN B 30 10.45 -14.39 8.67
N PRO B 31 9.11 -14.67 8.63
CA PRO B 31 8.81 -16.08 8.83
C PRO B 31 9.51 -16.64 7.63
N ASN B 32 10.31 -17.70 7.84
CA ASN B 32 11.21 -18.25 6.82
C ASN B 32 12.62 -18.41 7.39
N GLU B 33 13.03 -17.41 8.18
CA GLU B 33 14.36 -17.31 8.80
C GLU B 33 14.25 -17.34 10.33
N HIS B 34 13.21 -18.02 10.83
CA HIS B 34 13.04 -18.34 12.26
C HIS B 34 13.96 -19.52 12.63
N LYS B 35 13.89 -19.98 13.88
CA LYS B 35 14.37 -21.33 14.28
C LYS B 35 15.48 -21.36 15.35
N GLY B 36 15.13 -21.04 16.59
CA GLY B 36 15.99 -21.53 17.65
C GLY B 36 16.15 -20.66 18.85
N THR B 37 17.32 -20.80 19.48
CA THR B 37 17.68 -19.94 20.59
C THR B 37 17.98 -18.52 20.08
N ILE B 38 17.31 -17.52 20.64
CA ILE B 38 17.62 -16.10 20.32
C ILE B 38 18.34 -15.51 21.51
N THR B 39 19.61 -15.20 21.36
CA THR B 39 20.33 -14.41 22.38
C THR B 39 20.52 -12.96 21.88
N TRP B 40 20.59 -12.01 22.82
CA TRP B 40 20.78 -10.59 22.50
C TRP B 40 22.09 -10.11 23.11
N TYR B 41 22.80 -9.28 22.37
CA TYR B 41 24.01 -8.64 22.90
C TYR B 41 24.05 -7.14 22.64
N LYS B 42 24.71 -6.43 23.55
CA LYS B 42 24.81 -4.97 23.54
C LYS B 42 26.12 -4.50 22.91
N ASP B 43 26.05 -3.60 21.94
CA ASP B 43 27.24 -2.97 21.41
C ASP B 43 28.06 -4.10 20.80
N ASP B 44 29.34 -4.21 21.16
CA ASP B 44 30.19 -5.31 20.61
C ASP B 44 30.60 -6.37 21.65
N SER B 45 29.84 -6.47 22.73
CA SER B 45 29.97 -7.57 23.66
C SER B 45 29.68 -8.93 23.00
N LYS B 46 30.49 -9.92 23.39
CA LYS B 46 30.16 -11.33 23.08
C LYS B 46 29.66 -12.02 24.36
N THR B 47 29.26 -11.21 25.35
CA THR B 47 28.55 -11.64 26.59
C THR B 47 27.04 -11.17 26.56
N PRO B 48 26.09 -12.13 26.60
CA PRO B 48 24.68 -11.84 26.31
C PRO B 48 24.11 -10.90 27.33
N VAL B 49 23.02 -10.22 26.98
CA VAL B 49 22.44 -9.26 27.90
C VAL B 49 21.87 -9.95 29.12
N SER B 50 21.65 -9.18 30.19
CA SER B 50 20.95 -9.62 31.38
C SER B 50 19.68 -10.37 31.03
N THR B 51 19.44 -11.47 31.73
CA THR B 51 18.21 -12.20 31.56
C THR B 51 17.33 -11.89 32.75
N GLU B 52 17.90 -11.18 33.72
CA GLU B 52 17.21 -10.76 34.92
C GLU B 52 16.31 -9.58 34.62
N GLN B 53 15.00 -9.83 34.65
CA GLN B 53 13.99 -8.82 34.36
C GLN B 53 14.08 -7.60 35.25
N ALA B 54 14.75 -7.69 36.42
CA ALA B 54 14.93 -6.52 37.27
C ALA B 54 15.88 -5.49 36.70
N SER B 55 16.70 -5.88 35.73
CA SER B 55 17.72 -4.98 35.24
C SER B 55 17.13 -4.11 34.14
N ARG B 56 17.63 -2.90 34.03
CA ARG B 56 17.05 -1.91 33.12
C ARG B 56 17.02 -2.40 31.68
N ILE B 57 18.10 -3.02 31.23
CA ILE B 57 18.09 -3.60 29.90
C ILE B 57 18.22 -5.10 30.03
N HIS B 58 17.31 -5.84 29.45
CA HIS B 58 17.38 -7.28 29.64
C HIS B 58 16.69 -8.02 28.52
N GLN B 59 16.99 -9.31 28.47
CA GLN B 59 16.37 -10.21 27.53
C GLN B 59 15.21 -10.99 28.20
N HIS B 60 14.04 -11.04 27.55
CA HIS B 60 12.88 -11.79 28.07
C HIS B 60 11.96 -12.16 26.92
N LYS B 61 11.66 -13.46 26.77
CA LYS B 61 10.82 -13.96 25.66
C LYS B 61 11.42 -13.64 24.30
N GLU B 62 12.75 -13.74 24.24
CA GLU B 62 13.53 -13.50 23.03
C GLU B 62 13.44 -12.04 22.49
N LYS B 63 12.92 -11.13 23.31
CA LYS B 63 12.78 -9.74 22.93
C LYS B 63 13.74 -8.98 23.78
N LEU B 64 14.11 -7.79 23.31
CA LEU B 64 15.03 -6.92 24.05
C LEU B 64 14.24 -5.76 24.62
N TRP B 65 14.30 -5.60 25.94
CA TRP B 65 13.44 -4.69 26.72
C TRP B 65 14.25 -3.55 27.29
N PHE B 66 13.76 -2.31 27.14
CA PHE B 66 14.38 -1.17 27.82
C PHE B 66 13.39 -0.68 28.88
N VAL B 67 13.79 -0.73 30.13
CA VAL B 67 12.81 -0.56 31.21
C VAL B 67 13.19 0.48 32.26
N PRO B 68 13.08 1.79 31.96
CA PRO B 68 12.78 2.34 30.67
C PRO B 68 14.07 2.62 29.90
N ALA B 69 13.92 3.00 28.65
CA ALA B 69 15.07 3.47 27.89
C ALA B 69 15.62 4.83 28.31
N LYS B 70 16.85 5.07 27.88
CA LYS B 70 17.61 6.29 28.12
C LYS B 70 18.31 6.62 26.83
N VAL B 71 18.49 7.91 26.57
CA VAL B 71 19.24 8.41 25.43
C VAL B 71 20.58 7.64 25.24
N GLU B 72 21.28 7.39 26.33
CA GLU B 72 22.56 6.65 26.24
C GLU B 72 22.44 5.23 25.69
N ASP B 73 21.23 4.66 25.61
CA ASP B 73 21.10 3.30 25.03
C ASP B 73 21.18 3.31 23.53
N SER B 74 21.12 4.49 22.90
CA SER B 74 21.09 4.60 21.45
C SER B 74 22.36 3.96 20.94
N GLY B 75 22.26 3.21 19.88
CA GLY B 75 23.46 2.43 19.48
C GLY B 75 23.03 1.12 18.83
N HIS B 76 23.99 0.21 18.62
CA HIS B 76 23.64 -1.01 17.91
C HIS B 76 23.52 -2.16 18.92
N TYR B 77 22.71 -3.13 18.55
CA TYR B 77 22.56 -4.35 19.33
C TYR B 77 22.57 -5.57 18.40
N TYR B 78 23.00 -6.71 18.90
CA TYR B 78 22.91 -7.90 18.05
C TYR B 78 21.93 -8.89 18.70
N CYS B 79 21.09 -9.44 17.84
CA CYS B 79 20.37 -10.67 18.15
C CYS B 79 20.85 -11.88 17.34
N VAL B 80 21.30 -12.90 18.07
CA VAL B 80 21.83 -14.10 17.49
C VAL B 80 20.76 -15.18 17.59
N VAL B 81 20.03 -15.38 16.49
CA VAL B 81 19.04 -16.47 16.35
C VAL B 81 19.68 -17.78 15.91
N TYR B 86 23.58 -24.19 12.11
CA TYR B 86 23.01 -22.97 11.53
C TYR B 86 23.06 -21.77 12.50
N CYS B 87 23.25 -20.58 11.93
CA CYS B 87 23.33 -19.33 12.68
C CYS B 87 22.81 -18.11 11.93
N LEU B 88 22.26 -17.18 12.70
CA LEU B 88 22.02 -15.83 12.22
C LEU B 88 22.35 -14.83 13.35
N ARG B 89 22.87 -13.67 12.95
CA ARG B 89 23.36 -12.63 13.85
C ARG B 89 23.04 -11.40 13.09
N ILE B 90 22.11 -10.63 13.67
CA ILE B 90 21.55 -9.44 13.07
C ILE B 90 22.00 -8.24 13.94
N LYS B 91 22.57 -7.23 13.27
CA LYS B 91 22.96 -5.99 13.92
C LYS B 91 21.70 -5.15 13.84
N ILE B 92 21.32 -4.62 15.01
CA ILE B 92 20.16 -3.76 15.09
C ILE B 92 20.61 -2.43 15.65
N SER B 93 20.26 -1.35 14.99
CA SER B 93 20.51 -0.06 15.61
C SER B 93 19.23 0.64 16.12
N ALA B 94 19.26 1.15 17.35
CA ALA B 94 18.13 1.87 17.90
C ALA B 94 18.48 3.28 18.41
N LYS B 95 17.50 4.17 18.42
CA LYS B 95 17.71 5.53 18.87
C LYS B 95 16.67 5.93 19.87
N PHE B 96 17.13 6.50 20.97
CA PHE B 96 16.24 6.98 21.97
C PHE B 96 16.40 8.47 22.17
N VAL B 97 15.27 9.18 22.19
CA VAL B 97 15.33 10.65 22.16
C VAL B 97 14.39 11.28 23.18
N GLU B 98 14.90 12.35 23.76
CA GLU B 98 14.16 13.20 24.64
C GLU B 98 13.09 13.94 23.83
N ASN B 99 11.99 14.34 24.44
CA ASN B 99 11.05 15.24 23.76
C ASN B 99 11.73 16.58 23.43
N GLU B 100 11.23 17.27 22.42
CA GLU B 100 11.78 18.58 22.17
C GLU B 100 11.33 19.52 23.28
N PRO B 101 12.11 20.61 23.56
CA PRO B 101 11.74 21.46 24.73
C PRO B 101 10.25 21.99 24.71
N ASN B 102 9.55 21.97 25.83
CA ASN B 102 8.10 22.37 25.89
C ASN B 102 7.13 21.55 24.96
N LEU B 103 7.56 20.37 24.53
CA LEU B 103 6.72 19.56 23.66
C LEU B 103 6.46 18.19 24.28
N CYS B 104 5.42 17.51 23.81
CA CYS B 104 5.19 16.19 24.41
C CYS B 104 5.78 15.04 23.54
N TYR B 105 6.55 15.45 22.51
CA TYR B 105 7.21 14.51 21.58
C TYR B 105 8.46 15.11 20.94
N ASN B 106 9.10 14.30 20.10
CA ASN B 106 10.28 14.67 19.37
C ASN B 106 10.00 14.29 17.93
N ALA B 107 10.20 15.27 17.07
CA ALA B 107 9.91 15.14 15.65
C ALA B 107 10.69 13.99 15.05
N GLN B 108 11.84 13.59 15.59
CA GLN B 108 12.49 12.45 14.94
C GLN B 108 11.67 11.18 15.10
N ALA B 109 10.71 11.15 16.06
CA ALA B 109 9.95 9.88 16.24
C ALA B 109 8.66 9.78 15.47
N ILE B 110 8.40 10.81 14.67
CA ILE B 110 7.18 10.95 13.92
C ILE B 110 6.90 9.81 12.93
N PHE B 111 5.67 9.30 12.92
CA PHE B 111 5.25 8.31 11.89
C PHE B 111 4.29 9.15 11.07
N LYS B 112 4.53 9.30 9.78
CA LYS B 112 3.55 10.06 8.99
C LYS B 112 2.36 9.17 8.60
N GLN B 113 1.14 9.67 8.67
CA GLN B 113 -0.06 8.92 8.33
C GLN B 113 -0.96 9.85 7.59
N LYS B 114 -1.81 9.31 6.72
CA LYS B 114 -2.65 10.18 5.84
C LYS B 114 -3.93 9.56 5.46
N LEU B 115 -4.94 10.42 5.33
CA LEU B 115 -6.28 10.00 5.05
C LEU B 115 -6.82 10.99 4.07
N PRO B 116 -7.71 10.53 3.16
CA PRO B 116 -8.39 11.49 2.34
C PRO B 116 -9.45 12.25 3.15
N VAL B 117 -9.65 13.52 2.80
CA VAL B 117 -10.69 14.36 3.37
C VAL B 117 -12.02 13.73 3.10
N ALA B 118 -13.00 14.11 3.93
CA ALA B 118 -14.43 13.81 3.78
C ALA B 118 -14.90 12.41 4.19
N GLY B 119 -14.03 11.53 4.66
CA GLY B 119 -14.49 10.23 5.15
C GLY B 119 -14.37 10.09 6.66
N ASP B 120 -14.72 8.91 7.19
CA ASP B 120 -14.25 8.48 8.50
C ASP B 120 -12.95 7.68 8.26
N GLY B 121 -11.88 8.02 8.96
CA GLY B 121 -10.62 7.31 8.80
C GLY B 121 -9.88 7.09 10.08
N GLY B 122 -8.93 6.17 10.09
CA GLY B 122 -8.14 5.85 11.27
C GLY B 122 -6.69 6.24 11.34
N LEU B 123 -6.24 6.79 12.47
CA LEU B 123 -4.82 6.77 12.80
C LEU B 123 -4.54 5.57 13.65
N VAL B 124 -3.31 5.07 13.59
CA VAL B 124 -2.97 3.92 14.32
C VAL B 124 -1.71 4.13 15.13
N CYS B 125 -1.78 3.74 16.41
CA CYS B 125 -0.64 3.88 17.28
C CYS B 125 0.25 2.66 17.03
N PRO B 126 1.43 2.85 16.48
CA PRO B 126 2.22 1.76 16.00
C PRO B 126 3.01 1.09 17.10
N TYR B 127 3.45 -0.13 16.80
CA TYR B 127 4.28 -0.88 17.68
C TYR B 127 3.72 -0.98 19.11
N MET B 128 2.43 -1.28 19.19
CA MET B 128 1.73 -1.62 20.40
C MET B 128 1.58 -3.15 20.60
N GLU B 129 1.79 -3.91 19.52
CA GLU B 129 1.81 -5.37 19.57
C GLU B 129 2.26 -6.02 20.86
N PHE B 130 3.39 -5.56 21.37
CA PHE B 130 4.01 -6.27 22.46
C PHE B 130 3.58 -5.78 23.83
N PHE B 131 2.63 -4.83 23.89
CA PHE B 131 2.15 -4.30 25.17
C PHE B 131 0.79 -4.86 25.56
N LYS B 132 0.42 -5.97 24.97
CA LYS B 132 -0.87 -6.60 25.28
C LYS B 132 -0.86 -7.27 26.69
N ASN B 133 -1.95 -7.17 27.42
CA ASN B 133 -2.11 -7.98 28.62
C ASN B 133 -2.98 -9.19 28.36
N GLU B 134 -2.54 -10.35 28.84
CA GLU B 134 -3.40 -11.54 28.92
C GLU B 134 -4.63 -11.12 29.77
N ASN B 135 -5.84 -11.20 29.20
CA ASN B 135 -6.13 -11.93 27.98
C ASN B 135 -6.09 -11.14 26.68
N ASN B 136 -4.89 -10.75 26.25
CA ASN B 136 -4.68 -10.30 24.86
C ASN B 136 -5.23 -8.89 24.58
N GLU B 137 -5.36 -8.07 25.61
CA GLU B 137 -5.86 -6.70 25.39
C GLU B 137 -4.76 -5.65 25.54
N LEU B 138 -4.85 -4.62 24.72
CA LEU B 138 -4.00 -3.45 24.90
C LEU B 138 -4.45 -2.56 26.05
N PRO B 139 -3.49 -1.89 26.73
CA PRO B 139 -3.98 -0.92 27.74
C PRO B 139 -4.75 0.19 27.01
N LYS B 140 -5.62 0.91 27.71
CA LYS B 140 -6.43 1.94 27.06
C LYS B 140 -5.51 3.11 26.69
N LEU B 141 -5.67 3.60 25.48
CA LEU B 141 -4.90 4.73 24.94
C LEU B 141 -5.67 6.04 25.15
N GLN B 142 -4.96 7.07 25.61
CA GLN B 142 -5.40 8.46 25.50
C GLN B 142 -4.75 9.12 24.28
N TRP B 143 -5.49 10.00 23.63
CA TRP B 143 -5.03 10.58 22.42
C TRP B 143 -5.02 12.09 22.54
N TYR B 144 -3.96 12.67 21.98
CA TYR B 144 -3.71 14.15 21.96
C TYR B 144 -3.48 14.71 20.55
N LYS B 145 -3.87 15.95 20.29
CA LYS B 145 -3.39 16.56 19.09
C LYS B 145 -2.59 17.83 19.46
N ASP B 146 -1.40 17.95 18.92
CA ASP B 146 -0.49 19.05 19.38
C ASP B 146 -0.42 19.21 20.89
N CYS B 147 -0.33 18.06 21.59
CA CYS B 147 -0.18 18.03 23.01
C CYS B 147 -1.40 18.52 23.83
N LYS B 148 -2.57 18.63 23.22
CA LYS B 148 -3.81 18.92 23.90
C LYS B 148 -4.82 17.72 23.79
N PRO B 149 -5.41 17.31 24.92
CA PRO B 149 -6.27 16.09 24.96
C PRO B 149 -7.46 16.09 23.93
N LEU B 150 -7.75 14.93 23.36
CA LEU B 150 -8.95 14.78 22.58
C LEU B 150 -10.02 14.06 23.36
N LEU B 151 -11.24 14.53 23.23
CA LEU B 151 -12.42 13.83 23.77
C LEU B 151 -12.89 12.69 22.83
N LEU B 152 -12.81 11.46 23.30
CA LEU B 152 -13.25 10.29 22.54
C LEU B 152 -14.73 10.07 22.84
N ASP B 153 -15.59 10.80 22.10
CA ASP B 153 -17.00 10.81 22.43
C ASP B 153 -17.81 10.04 21.37
N ASN B 154 -17.11 9.35 20.45
CA ASN B 154 -17.73 8.65 19.33
C ASN B 154 -18.67 9.53 18.45
N ILE B 155 -18.45 10.84 18.50
CA ILE B 155 -19.10 11.78 17.60
C ILE B 155 -18.07 12.42 16.69
N HIS B 156 -16.99 12.95 17.24
CA HIS B 156 -15.89 13.46 16.40
C HIS B 156 -14.70 12.56 16.45
N PHE B 157 -14.45 11.89 17.56
CA PHE B 157 -13.33 10.96 17.59
C PHE B 157 -13.68 9.70 18.36
N SER B 158 -13.10 8.55 17.99
CA SER B 158 -13.26 7.34 18.78
C SER B 158 -11.93 6.71 19.01
N GLY B 159 -11.80 6.08 20.18
CA GLY B 159 -10.55 5.35 20.49
C GLY B 159 -10.90 3.87 20.59
N VAL B 160 -10.40 3.00 19.69
CA VAL B 160 -10.65 1.58 19.85
C VAL B 160 -9.36 0.86 19.77
N LYS B 161 -8.98 0.14 20.80
CA LYS B 161 -7.71 -0.60 20.79
C LYS B 161 -6.51 0.31 20.45
N ASP B 162 -5.89 0.11 19.31
CA ASP B 162 -4.74 0.94 18.99
C ASP B 162 -5.10 2.05 18.02
N ARG B 163 -6.40 2.27 17.76
CA ARG B 163 -6.77 3.20 16.66
C ARG B 163 -7.47 4.39 17.20
N LEU B 164 -7.32 5.52 16.50
CA LEU B 164 -8.17 6.68 16.68
C LEU B 164 -8.97 6.86 15.42
N ILE B 165 -10.28 6.96 15.56
CA ILE B 165 -11.15 7.13 14.39
C ILE B 165 -11.42 8.59 14.32
N VAL B 166 -11.01 9.22 13.23
CA VAL B 166 -11.26 10.64 13.07
C VAL B 166 -12.49 10.68 12.22
N MET B 167 -13.50 11.38 12.67
CA MET B 167 -14.75 11.31 11.92
C MET B 167 -14.88 12.53 11.08
N ASN B 168 -15.34 12.30 9.87
CA ASN B 168 -15.43 13.34 8.86
C ASN B 168 -14.13 14.15 8.69
N VAL B 169 -13.05 13.42 8.45
CA VAL B 169 -11.73 14.00 8.14
C VAL B 169 -11.86 15.20 7.26
N ALA B 170 -11.23 16.29 7.71
CA ALA B 170 -11.15 17.57 7.05
C ALA B 170 -9.74 18.14 7.36
N GLU B 171 -9.42 19.26 6.70
CA GLU B 171 -8.09 19.83 6.62
C GLU B 171 -7.61 20.29 7.98
N LYS B 172 -8.53 20.85 8.74
CA LYS B 172 -8.20 21.32 10.04
C LYS B 172 -7.84 20.17 11.03
N HIS B 173 -7.92 18.91 10.63
CA HIS B 173 -7.56 17.82 11.53
C HIS B 173 -6.04 17.62 11.49
N ARG B 174 -5.35 18.28 10.54
CA ARG B 174 -3.91 18.13 10.35
C ARG B 174 -3.22 18.53 11.61
N GLY B 175 -2.09 17.89 11.89
CA GLY B 175 -1.39 18.20 13.13
C GLY B 175 -0.64 16.97 13.58
N ASN B 176 0.00 17.07 14.73
CA ASN B 176 0.81 15.99 15.28
C ASN B 176 0.08 15.41 16.44
N TYR B 177 -0.24 14.11 16.33
CA TYR B 177 -1.11 13.42 17.27
C TYR B 177 -0.24 12.54 18.09
N THR B 178 -0.49 12.47 19.39
CA THR B 178 0.19 11.49 20.20
C THR B 178 -0.80 10.51 20.82
N CYS B 179 -0.36 9.28 20.96
CA CYS B 179 -1.14 8.23 21.65
C CYS B 179 -0.33 7.83 22.87
N HIS B 180 -0.99 7.82 24.02
CA HIS B 180 -0.38 7.59 25.31
C HIS B 180 -1.03 6.37 25.97
N ALA B 181 -0.20 5.52 26.52
CA ALA B 181 -0.68 4.38 27.26
C ALA B 181 0.20 4.29 28.49
N SER B 182 -0.22 3.42 29.41
CA SER B 182 0.48 3.17 30.66
C SER B 182 0.51 1.67 30.76
N TYR B 183 1.71 1.11 30.87
CA TYR B 183 1.85 -0.35 30.79
C TYR B 183 2.43 -0.92 32.06
N THR B 184 1.90 -2.04 32.52
CA THR B 184 2.36 -2.66 33.74
C THR B 184 3.39 -3.75 33.44
N TYR B 185 4.55 -3.65 34.08
CA TYR B 185 5.62 -4.63 33.84
C TYR B 185 6.26 -4.88 35.18
N LEU B 186 6.06 -6.09 35.72
CA LEU B 186 6.53 -6.43 37.06
C LEU B 186 5.90 -5.63 38.18
N GLY B 187 4.63 -5.29 37.98
CA GLY B 187 3.83 -4.61 38.98
C GLY B 187 4.03 -3.12 38.95
N LYS B 188 5.07 -2.68 38.21
CA LYS B 188 5.34 -1.24 37.95
C LYS B 188 4.75 -0.72 36.62
N GLN B 189 4.35 0.56 36.64
CA GLN B 189 3.71 1.20 35.50
C GLN B 189 4.71 2.06 34.71
N TYR B 190 4.70 1.91 33.39
CA TYR B 190 5.59 2.67 32.50
C TYR B 190 4.78 3.35 31.39
N PRO B 191 5.11 4.63 31.08
CA PRO B 191 4.43 5.43 30.05
C PRO B 191 4.91 5.01 28.68
N ILE B 192 4.05 5.12 27.68
CA ILE B 192 4.42 4.81 26.26
C ILE B 192 3.70 5.86 25.45
N THR B 193 4.39 6.49 24.50
CA THR B 193 3.73 7.40 23.56
C THR B 193 4.22 7.05 22.15
N ARG B 194 3.45 7.38 21.13
CA ARG B 194 4.03 7.38 19.76
C ARG B 194 3.55 8.69 19.23
N VAL B 195 4.22 9.29 18.25
CA VAL B 195 3.72 10.50 17.66
C VAL B 195 3.43 10.26 16.16
N ILE B 196 2.35 10.83 15.66
CA ILE B 196 1.96 10.62 14.32
C ILE B 196 1.72 11.96 13.69
N GLU B 197 2.36 12.22 12.55
CA GLU B 197 2.06 13.44 11.79
C GLU B 197 0.96 13.14 10.82
N PHE B 198 -0.17 13.78 11.07
CA PHE B 198 -1.33 13.52 10.31
C PHE B 198 -1.49 14.50 9.14
N ILE B 199 -1.43 13.95 7.95
CA ILE B 199 -1.58 14.75 6.71
C ILE B 199 -2.91 14.29 6.02
N THR B 200 -3.66 15.25 5.56
CA THR B 200 -4.85 14.97 4.80
C THR B 200 -4.59 15.19 3.28
N LEU B 201 -5.30 14.43 2.47
CA LEU B 201 -5.18 14.54 1.02
C LEU B 201 -6.45 15.15 0.49
N GLU B 202 -6.36 15.83 -0.65
CA GLU B 202 -7.53 16.42 -1.34
C GLU B 202 -8.67 15.38 -1.50
N GLU B 203 -9.90 15.88 -1.52
CA GLU B 203 -11.09 15.05 -1.67
C GLU B 203 -11.06 14.17 -2.93
N ASN B 204 -10.98 12.86 -2.74
CA ASN B 204 -11.16 11.91 -3.85
C ASN B 204 -12.63 12.05 -4.32
N LYS B 205 -12.82 12.93 -5.31
CA LYS B 205 -14.15 13.48 -5.56
C LYS B 205 -14.82 12.97 -6.85
N PRO B 206 -16.00 12.33 -6.70
CA PRO B 206 -16.77 11.53 -7.70
C PRO B 206 -17.20 12.23 -9.01
N THR B 207 -16.39 12.14 -10.06
CA THR B 207 -16.84 12.68 -11.37
C THR B 207 -16.61 11.75 -12.55
N ARG B 208 -17.39 11.97 -13.59
CA ARG B 208 -17.38 11.16 -14.80
C ARG B 208 -16.49 11.72 -15.92
N PRO B 209 -15.78 10.81 -16.62
CA PRO B 209 -14.93 11.19 -17.76
C PRO B 209 -15.81 11.72 -18.87
N VAL B 210 -15.27 12.69 -19.61
CA VAL B 210 -15.92 13.26 -20.80
C VAL B 210 -15.18 12.79 -22.07
N ILE B 211 -15.91 12.16 -22.99
CA ILE B 211 -15.32 11.75 -24.28
C ILE B 211 -15.37 12.91 -25.24
N VAL B 212 -14.21 13.44 -25.62
CA VAL B 212 -14.16 14.61 -26.48
C VAL B 212 -14.35 14.19 -27.91
N SER B 213 -13.70 13.09 -28.24
CA SER B 213 -13.71 12.56 -29.57
C SER B 213 -13.52 11.01 -29.56
N PRO B 214 -14.21 10.25 -30.43
CA PRO B 214 -15.17 10.54 -31.47
C PRO B 214 -16.52 11.04 -30.87
N ALA B 215 -17.51 11.31 -31.72
CA ALA B 215 -18.78 11.87 -31.24
C ALA B 215 -20.00 11.25 -31.98
N ASN B 216 -20.04 9.91 -32.13
CA ASN B 216 -21.11 9.20 -32.85
C ASN B 216 -21.31 9.59 -34.30
N GLU B 217 -20.30 9.31 -35.12
CA GLU B 217 -20.22 9.83 -36.48
C GLU B 217 -19.86 8.69 -37.41
N THR B 218 -20.01 8.92 -38.70
CA THR B 218 -19.65 7.93 -39.66
C THR B 218 -18.34 8.32 -40.25
N MET B 219 -17.68 7.37 -40.88
CA MET B 219 -16.45 7.71 -41.53
C MET B 219 -16.32 6.82 -42.76
N GLU B 220 -16.16 7.44 -43.93
CA GLU B 220 -16.01 6.68 -45.15
C GLU B 220 -14.56 6.20 -45.25
N VAL B 221 -14.42 4.90 -45.49
CA VAL B 221 -13.11 4.30 -45.62
C VAL B 221 -13.15 3.22 -46.68
N ASP B 222 -12.01 3.06 -47.30
CA ASP B 222 -11.83 2.07 -48.37
C ASP B 222 -11.53 0.65 -47.83
N LEU B 223 -12.21 -0.33 -48.39
CA LEU B 223 -12.06 -1.70 -48.00
C LEU B 223 -10.60 -2.14 -48.29
N GLY B 224 -9.92 -2.77 -47.35
CA GLY B 224 -8.56 -3.21 -47.54
C GLY B 224 -7.50 -2.23 -47.09
N SER B 225 -7.87 -0.99 -46.66
CA SER B 225 -6.86 -0.02 -46.42
C SER B 225 -6.62 -0.01 -44.90
N GLN B 226 -5.95 1.03 -44.43
CA GLN B 226 -5.60 1.11 -43.02
C GLN B 226 -5.95 2.44 -42.46
N ILE B 227 -6.24 2.45 -41.18
CA ILE B 227 -6.65 3.67 -40.55
C ILE B 227 -6.37 3.66 -39.03
N GLN B 228 -6.28 4.81 -38.46
CA GLN B 228 -6.21 4.87 -37.00
C GLN B 228 -7.31 5.78 -36.55
N LEU B 229 -7.92 5.43 -35.43
CA LEU B 229 -8.99 6.17 -34.82
C LEU B 229 -8.52 6.66 -33.42
N ILE B 230 -8.86 7.90 -33.03
CA ILE B 230 -8.37 8.44 -31.81
C ILE B 230 -9.55 8.62 -30.89
N CYS B 231 -9.44 8.09 -29.66
CA CYS B 231 -10.36 8.35 -28.60
C CYS B 231 -9.66 9.31 -27.64
N ASN B 232 -10.25 10.50 -27.47
CA ASN B 232 -9.71 11.60 -26.71
C ASN B 232 -10.68 11.83 -25.53
N VAL B 233 -10.19 11.57 -24.34
CA VAL B 233 -10.99 11.66 -23.12
C VAL B 233 -10.44 12.72 -22.15
N THR B 234 -11.28 13.67 -21.75
CA THR B 234 -10.89 14.60 -20.67
C THR B 234 -11.35 14.07 -19.30
N GLY B 235 -10.41 13.99 -18.39
CA GLY B 235 -10.71 13.34 -17.11
C GLY B 235 -9.45 13.38 -16.27
N GLN B 236 -9.39 12.48 -15.31
CA GLN B 236 -8.26 12.32 -14.43
C GLN B 236 -7.32 11.32 -15.01
N LEU B 237 -6.03 11.42 -14.69
CA LEU B 237 -5.14 10.32 -15.11
C LEU B 237 -5.63 8.94 -14.68
N SER B 238 -6.39 8.86 -13.62
CA SER B 238 -6.78 7.55 -13.09
C SER B 238 -7.93 6.91 -13.85
N ASP B 239 -8.73 7.69 -14.56
CA ASP B 239 -9.77 7.12 -15.45
C ASP B 239 -9.11 6.26 -16.58
N ILE B 240 -9.89 5.35 -17.17
CA ILE B 240 -9.39 4.55 -18.31
C ILE B 240 -10.25 4.69 -19.58
N ALA B 241 -9.60 4.75 -20.72
CA ALA B 241 -10.23 4.97 -22.00
C ALA B 241 -9.84 3.84 -22.98
N TYR B 242 -10.81 3.12 -23.54
CA TYR B 242 -10.44 1.96 -24.31
C TYR B 242 -11.52 1.71 -25.33
N TRP B 243 -11.19 0.93 -26.37
CA TRP B 243 -12.13 0.68 -27.50
C TRP B 243 -12.76 -0.64 -27.46
N LYS B 244 -13.97 -0.73 -27.97
CA LYS B 244 -14.54 -2.03 -28.17
C LYS B 244 -15.02 -2.11 -29.59
N TRP B 245 -15.18 -3.34 -30.07
CA TRP B 245 -15.82 -3.55 -31.36
C TRP B 245 -16.69 -4.79 -31.26
N ASN B 246 -17.95 -4.71 -31.66
CA ASN B 246 -18.85 -5.88 -31.72
C ASN B 246 -18.89 -6.57 -30.38
N GLY B 247 -18.91 -5.74 -29.32
CA GLY B 247 -19.11 -6.23 -27.93
C GLY B 247 -17.86 -6.75 -27.24
N SER B 248 -16.70 -6.54 -27.86
CA SER B 248 -15.49 -7.10 -27.29
C SER B 248 -14.44 -6.06 -27.21
N VAL B 249 -13.70 -6.15 -26.11
CA VAL B 249 -12.47 -5.40 -25.93
C VAL B 249 -11.59 -5.73 -27.13
N ILE B 250 -10.60 -4.90 -27.41
CA ILE B 250 -9.69 -5.20 -28.50
C ILE B 250 -8.71 -6.24 -27.98
N ASP B 251 -8.84 -7.47 -28.44
CA ASP B 251 -7.84 -8.49 -28.01
C ASP B 251 -6.43 -8.13 -28.40
N GLU B 252 -5.53 -8.45 -27.49
CA GLU B 252 -4.17 -8.01 -27.58
C GLU B 252 -3.35 -8.85 -28.57
N ASP B 253 -3.85 -10.05 -28.90
CA ASP B 253 -3.21 -10.93 -29.88
C ASP B 253 -4.00 -10.81 -31.19
N ASP B 254 -5.01 -9.92 -31.21
CA ASP B 254 -5.77 -9.69 -32.43
C ASP B 254 -4.78 -9.31 -33.51
N PRO B 255 -4.77 -10.03 -34.65
CA PRO B 255 -3.75 -9.72 -35.64
C PRO B 255 -3.96 -8.46 -36.44
N VAL B 256 -5.17 -7.89 -36.49
CA VAL B 256 -5.34 -6.62 -37.26
C VAL B 256 -5.71 -5.35 -36.44
N LEU B 257 -6.19 -5.53 -35.22
CA LEU B 257 -6.57 -4.41 -34.36
C LEU B 257 -5.59 -4.24 -33.23
N GLY B 258 -5.12 -3.02 -33.00
CA GLY B 258 -4.27 -2.76 -31.85
C GLY B 258 -4.51 -1.35 -31.27
N GLU B 259 -4.29 -1.23 -29.96
CA GLU B 259 -4.45 -0.01 -29.20
C GLU B 259 -3.12 0.45 -28.67
N ASP B 260 -2.89 1.77 -28.70
CA ASP B 260 -1.82 2.46 -27.96
C ASP B 260 -2.44 3.50 -27.07
N TYR B 261 -1.94 3.56 -25.85
CA TYR B 261 -2.48 4.38 -24.77
C TYR B 261 -1.45 5.46 -24.41
N TYR B 262 -1.87 6.71 -24.41
CA TYR B 262 -0.99 7.87 -24.15
C TYR B 262 -1.80 8.75 -23.23
N SER B 263 -1.12 9.70 -22.57
CA SER B 263 -1.80 10.53 -21.56
C SER B 263 -0.94 11.73 -21.28
N VAL B 264 -1.58 12.80 -20.82
CA VAL B 264 -0.80 13.94 -20.44
C VAL B 264 -1.49 14.56 -19.21
N GLU B 265 -0.69 14.89 -18.19
CA GLU B 265 -1.25 15.58 -17.01
C GLU B 265 -1.41 17.07 -17.30
N ASN B 266 -2.62 17.57 -17.07
CA ASN B 266 -2.92 18.99 -17.12
C ASN B 266 -2.44 19.59 -15.77
N PRO B 267 -1.40 20.43 -15.83
CA PRO B 267 -0.87 21.09 -14.66
C PRO B 267 -1.92 22.01 -14.02
N ALA B 268 -2.70 22.65 -14.89
CA ALA B 268 -3.68 23.67 -14.47
C ALA B 268 -4.78 23.05 -13.62
N ASN B 269 -5.28 21.90 -14.07
CA ASN B 269 -6.37 21.22 -13.43
C ASN B 269 -6.22 19.70 -13.61
N LYS B 270 -5.69 19.06 -12.55
CA LYS B 270 -5.47 17.62 -12.46
C LYS B 270 -6.69 16.77 -12.82
N ARG B 271 -7.87 17.39 -12.74
CA ARG B 271 -9.13 16.69 -13.02
C ARG B 271 -9.50 16.81 -14.52
N ARG B 272 -8.74 17.62 -15.26
CA ARG B 272 -9.06 17.79 -16.65
C ARG B 272 -7.79 17.52 -17.48
N SER B 273 -7.17 16.41 -17.16
CA SER B 273 -6.06 15.89 -17.91
C SER B 273 -6.63 15.18 -19.16
N THR B 274 -5.74 14.64 -19.99
CA THR B 274 -6.20 13.96 -21.18
C THR B 274 -5.64 12.57 -21.33
N LEU B 275 -6.52 11.71 -21.80
CA LEU B 275 -6.24 10.38 -22.25
C LEU B 275 -6.48 10.26 -23.77
N ILE B 276 -5.54 9.60 -24.46
CA ILE B 276 -5.64 9.34 -25.84
C ILE B 276 -5.36 7.86 -26.01
N THR B 277 -6.36 7.15 -26.54
CA THR B 277 -6.23 5.82 -26.92
C THR B 277 -6.43 5.78 -28.45
N VAL B 278 -5.39 5.32 -29.14
CA VAL B 278 -5.35 5.20 -30.58
C VAL B 278 -5.59 3.75 -30.94
N LEU B 279 -6.60 3.50 -31.77
CA LEU B 279 -6.84 2.21 -32.28
C LEU B 279 -6.31 2.13 -33.67
N ASN B 280 -5.50 1.12 -33.88
CA ASN B 280 -4.81 0.91 -35.11
C ASN B 280 -5.52 -0.21 -35.85
N ILE B 281 -6.11 0.11 -37.02
CA ILE B 281 -6.72 -0.91 -37.88
C ILE B 281 -5.81 -1.16 -39.06
N SER B 282 -5.07 -2.25 -39.03
CA SER B 282 -4.01 -2.37 -39.98
C SER B 282 -4.59 -2.78 -41.33
N GLU B 283 -5.79 -3.34 -41.36
CA GLU B 283 -6.43 -3.63 -42.63
C GLU B 283 -7.92 -3.55 -42.47
N ILE B 284 -8.60 -2.73 -43.25
CA ILE B 284 -10.05 -2.66 -43.09
C ILE B 284 -10.72 -3.85 -43.71
N GLU B 285 -11.28 -4.72 -42.84
CA GLU B 285 -11.91 -5.91 -43.26
C GLU B 285 -13.39 -5.67 -43.39
N SER B 286 -14.04 -6.46 -44.23
CA SER B 286 -15.43 -6.19 -44.54
C SER B 286 -16.37 -6.27 -43.34
N ARG B 287 -16.04 -7.13 -42.37
CA ARG B 287 -16.80 -7.25 -41.11
C ARG B 287 -16.89 -5.95 -40.28
N PHE B 288 -15.86 -5.13 -40.38
CA PHE B 288 -15.78 -3.86 -39.59
C PHE B 288 -16.80 -2.86 -39.99
N TYR B 289 -17.35 -3.02 -41.20
CA TYR B 289 -18.45 -2.14 -41.66
C TYR B 289 -19.85 -2.45 -41.08
N LYS B 290 -19.99 -3.59 -40.36
CA LYS B 290 -21.25 -4.02 -39.81
C LYS B 290 -21.55 -3.50 -38.41
N HIS B 291 -20.52 -3.16 -37.64
CA HIS B 291 -20.69 -2.67 -36.25
C HIS B 291 -19.81 -1.50 -35.95
N PRO B 292 -20.29 -0.61 -35.08
CA PRO B 292 -19.47 0.57 -34.75
C PRO B 292 -18.25 0.24 -33.89
N PHE B 293 -17.18 1.03 -33.99
CA PHE B 293 -16.08 1.00 -33.01
C PHE B 293 -16.48 2.00 -31.91
N THR B 294 -16.61 1.54 -30.67
CA THR B 294 -17.03 2.38 -29.50
C THR B 294 -15.91 2.63 -28.51
N CYS B 295 -15.64 3.90 -28.26
CA CYS B 295 -14.70 4.24 -27.21
C CYS B 295 -15.45 4.30 -25.89
N PHE B 296 -14.95 3.62 -24.85
CA PHE B 296 -15.49 3.77 -23.49
C PHE B 296 -14.58 4.52 -22.60
N ALA B 297 -15.12 5.41 -21.79
CA ALA B 297 -14.29 6.09 -20.78
C ALA B 297 -14.85 5.78 -19.38
N LYS B 298 -14.02 5.19 -18.52
CA LYS B 298 -14.53 4.52 -17.30
C LYS B 298 -13.78 4.87 -16.00
N ASN B 299 -14.54 5.05 -14.94
CA ASN B 299 -13.98 5.05 -13.57
C ASN B 299 -15.04 4.51 -12.57
N THR B 300 -14.75 4.61 -11.27
CA THR B 300 -15.59 3.94 -10.29
C THR B 300 -17.06 4.43 -10.26
N HIS B 301 -17.28 5.69 -10.65
CA HIS B 301 -18.62 6.32 -10.63
C HIS B 301 -19.39 6.32 -11.93
N GLY B 302 -18.79 5.84 -13.01
CA GLY B 302 -19.56 5.79 -14.27
C GLY B 302 -18.80 5.68 -15.59
N ILE B 303 -19.59 5.54 -16.66
CA ILE B 303 -19.11 5.26 -18.03
C ILE B 303 -19.74 6.25 -19.02
N ASP B 304 -18.90 6.77 -19.92
CA ASP B 304 -19.32 7.52 -21.12
C ASP B 304 -18.93 6.60 -22.31
N ALA B 305 -19.65 6.76 -23.44
CA ALA B 305 -19.40 6.01 -24.66
C ALA B 305 -19.73 6.85 -25.89
N ALA B 306 -18.90 6.71 -26.90
CA ALA B 306 -19.09 7.40 -28.21
C ALA B 306 -18.42 6.57 -29.31
N TYR B 307 -18.91 6.62 -30.54
CA TYR B 307 -18.50 5.65 -31.53
C TYR B 307 -18.18 6.29 -32.85
N ILE B 308 -17.47 5.52 -33.69
CA ILE B 308 -17.24 5.82 -35.08
C ILE B 308 -17.76 4.58 -35.84
N GLN B 309 -18.62 4.81 -36.85
CA GLN B 309 -19.11 3.72 -37.69
C GLN B 309 -18.44 3.85 -39.01
N LEU B 310 -17.72 2.83 -39.44
CA LEU B 310 -17.13 2.87 -40.78
C LEU B 310 -18.20 2.60 -41.81
N ILE B 311 -18.15 3.35 -42.93
CA ILE B 311 -18.98 3.14 -44.10
C ILE B 311 -18.17 3.12 -45.39
N TYR B 312 -18.72 2.45 -46.41
CA TYR B 312 -18.12 2.43 -47.72
C TYR B 312 -18.17 3.85 -48.31
N PRO B 313 -17.16 4.22 -49.11
CA PRO B 313 -17.28 5.58 -49.67
C PRO B 313 -18.46 5.68 -50.62
#